data_6L3S
#
_entry.id   6L3S
#
_cell.length_a   47.590
_cell.length_b   71.250
_cell.length_c   136.210
_cell.angle_alpha   90.000
_cell.angle_beta   90.000
_cell.angle_gamma   90.000
#
_symmetry.space_group_name_H-M   'P 21 21 21'
#
loop_
_entity.id
_entity.type
_entity.pdbx_description
1 polymer 'IMP-27 metallo-beta-lactamase'
2 non-polymer 'ZINC ION'
3 water water
#
_entity_poly.entity_id   1
_entity_poly.type   'polypeptide(L)'
_entity_poly.pdbx_seq_one_letter_code
;MGETLPNLRVEKLEEGVYVHTSYEEVKGWGVVTKHGLVVLIGADAYLIDTPFTAKDTEKLVNWFVERGYKIKGTVSSHFH
SDSTGGIEWLNSQSIPTYASELTNELLKKDGKVQAKNSFDGVSYWLAKDKIEVFYPGPGHTQDNVVVWLPEKEILFGGCF
VKPHGLGNLGDANLEAWPESAKILMEKYGKAKLVVSGHSETGDATHLKRTWEQAVKGLKESKKTLQPSN
;
_entity_poly.pdbx_strand_id   A,B
#
# COMPACT_ATOMS: atom_id res chain seq x y z
N LEU A 5 -4.88 -1.12 39.53
CA LEU A 5 -4.46 -0.44 38.25
C LEU A 5 -5.50 0.54 37.77
N PRO A 6 -5.11 1.63 37.06
CA PRO A 6 -6.10 2.45 36.40
C PRO A 6 -6.88 1.62 35.35
N ASN A 7 -8.10 2.06 35.11
CA ASN A 7 -8.99 1.55 34.05
C ASN A 7 -8.47 2.08 32.71
N LEU A 8 -8.89 1.44 31.65
CA LEU A 8 -8.72 1.95 30.28
C LEU A 8 -9.04 3.43 30.24
N ARG A 9 -8.19 4.23 29.58
CA ARG A 9 -8.39 5.67 29.44
C ARG A 9 -8.54 5.95 27.94
N VAL A 10 -9.50 6.79 27.57
CA VAL A 10 -9.58 7.30 26.16
C VAL A 10 -9.61 8.82 26.25
N GLU A 11 -8.70 9.50 25.55
CA GLU A 11 -8.56 10.97 25.59
C GLU A 11 -8.42 11.50 24.18
N LYS A 12 -9.07 12.62 23.90
CA LYS A 12 -8.97 13.27 22.57
C LYS A 12 -7.61 13.96 22.46
N LEU A 13 -6.85 13.64 21.41
CA LEU A 13 -5.59 14.31 21.05
C LEU A 13 -5.94 15.54 20.23
N GLU A 14 -6.77 15.38 19.21
CA GLU A 14 -7.33 16.50 18.43
C GLU A 14 -8.52 15.96 17.65
N GLU A 15 -9.16 16.80 16.85
CA GLU A 15 -10.37 16.34 16.12
C GLU A 15 -10.02 15.03 15.38
N GLY A 16 -10.80 13.98 15.62
CA GLY A 16 -10.69 12.73 14.84
C GLY A 16 -9.58 11.81 15.33
N VAL A 17 -8.87 12.15 16.39
CA VAL A 17 -7.73 11.30 16.85
C VAL A 17 -7.72 11.21 18.37
N TYR A 18 -7.87 9.98 18.88
CA TYR A 18 -7.96 9.69 20.32
C TYR A 18 -6.76 8.79 20.68
N VAL A 19 -6.26 8.95 21.89
CA VAL A 19 -5.24 8.05 22.44
C VAL A 19 -5.97 7.17 23.45
N HIS A 20 -5.82 5.86 23.30
CA HIS A 20 -6.28 4.90 24.32
C HIS A 20 -5.08 4.44 25.09
N THR A 21 -5.21 4.37 26.40
CA THR A 21 -4.15 3.94 27.29
C THR A 21 -4.68 2.77 28.11
N SER A 22 -3.98 1.65 28.09
CA SER A 22 -4.35 0.44 28.87
C SER A 22 -3.14 0.07 29.72
N TYR A 23 -3.40 -0.69 30.75
CA TYR A 23 -2.48 -0.98 31.87
C TYR A 23 -2.50 -2.48 32.11
N GLU A 24 -1.31 -3.09 32.21
CA GLU A 24 -1.16 -4.51 32.48
C GLU A 24 -0.15 -4.76 33.61
N GLU A 25 -0.58 -5.52 34.63
CA GLU A 25 0.38 -6.05 35.65
C GLU A 25 1.04 -7.29 35.07
N VAL A 26 2.35 -7.22 34.83
CA VAL A 26 3.20 -8.30 34.28
C VAL A 26 3.90 -8.97 35.45
N LYS A 27 3.44 -10.17 35.80
CA LYS A 27 3.85 -10.92 37.01
C LYS A 27 5.36 -11.15 36.98
N GLY A 28 6.04 -10.80 38.06
CA GLY A 28 7.50 -10.93 38.17
C GLY A 28 8.28 -9.76 37.58
N TRP A 29 7.62 -8.81 36.90
CA TRP A 29 8.27 -7.68 36.16
C TRP A 29 7.82 -6.34 36.75
N GLY A 30 6.53 -6.00 36.65
CA GLY A 30 6.04 -4.65 36.98
C GLY A 30 4.78 -4.34 36.18
N VAL A 31 4.47 -3.07 36.02
CA VAL A 31 3.23 -2.61 35.33
C VAL A 31 3.62 -1.86 34.07
N VAL A 32 2.93 -2.19 32.96
CA VAL A 32 3.20 -1.65 31.60
C VAL A 32 2.00 -0.79 31.26
N THR A 33 2.28 0.41 30.78
CA THR A 33 1.27 1.38 30.35
C THR A 33 1.41 1.47 28.84
N LYS A 34 0.34 1.23 28.08
CA LYS A 34 0.43 1.18 26.62
C LYS A 34 -0.55 2.14 25.94
N HIS A 35 -0.02 2.97 25.05
CA HIS A 35 -0.81 3.92 24.24
C HIS A 35 -1.06 3.34 22.86
N GLY A 36 -2.29 3.50 22.39
CA GLY A 36 -2.63 3.34 20.97
C GLY A 36 -3.57 4.41 20.51
N LEU A 37 -4.09 4.35 19.29
CA LEU A 37 -4.98 5.40 18.77
C LEU A 37 -6.35 4.82 18.42
N VAL A 38 -7.33 5.71 18.37
CA VAL A 38 -8.56 5.56 17.57
C VAL A 38 -8.61 6.72 16.61
N VAL A 39 -8.79 6.41 15.33
CA VAL A 39 -8.76 7.39 14.22
C VAL A 39 -10.15 7.37 13.61
N LEU A 40 -10.79 8.54 13.57
CA LEU A 40 -12.13 8.67 12.99
C LEU A 40 -12.03 9.27 11.60
N ILE A 41 -12.66 8.58 10.65
CA ILE A 41 -12.67 9.00 9.21
C ILE A 41 -14.14 8.97 8.83
N GLY A 42 -14.83 10.11 8.76
CA GLY A 42 -16.29 10.06 8.52
C GLY A 42 -16.99 9.30 9.63
N ALA A 43 -17.80 8.29 9.29
CA ALA A 43 -18.56 7.51 10.26
C ALA A 43 -17.81 6.22 10.62
N ASP A 44 -16.56 6.12 10.20
CA ASP A 44 -15.72 4.92 10.48
C ASP A 44 -14.69 5.25 11.56
N ALA A 45 -14.43 4.29 12.44
CA ALA A 45 -13.37 4.37 13.44
C ALA A 45 -12.35 3.27 13.11
N TYR A 46 -11.04 3.56 13.22
CA TYR A 46 -9.97 2.56 13.11
C TYR A 46 -9.21 2.47 14.43
N LEU A 47 -8.99 1.27 14.94
CA LEU A 47 -8.17 1.10 16.17
C LEU A 47 -6.75 0.86 15.69
N ILE A 48 -5.85 1.67 16.20
CA ILE A 48 -4.42 1.53 15.97
C ILE A 48 -3.87 0.93 17.24
N ASP A 49 -3.62 -0.37 17.17
CA ASP A 49 -3.28 -1.26 18.29
C ASP A 49 -4.51 -1.54 19.15
N THR A 50 -4.61 -2.79 19.59
CA THR A 50 -5.58 -3.18 20.64
C THR A 50 -4.94 -3.01 22.01
N PRO A 51 -5.78 -2.81 23.04
CA PRO A 51 -5.34 -3.05 24.41
C PRO A 51 -4.85 -4.50 24.60
N PHE A 52 -4.22 -4.75 25.76
CA PHE A 52 -3.75 -6.09 26.15
C PHE A 52 -4.88 -7.13 26.06
N THR A 53 -6.05 -6.80 26.58
CA THR A 53 -7.15 -7.73 26.87
C THR A 53 -8.34 -7.57 25.93
N ALA A 54 -9.04 -8.68 25.76
CA ALA A 54 -10.40 -8.66 25.17
C ALA A 54 -11.29 -7.70 25.96
N LYS A 55 -11.22 -7.75 27.30
CA LYS A 55 -12.04 -6.89 28.18
C LYS A 55 -11.91 -5.41 27.75
N ASP A 56 -10.69 -4.94 27.68
CA ASP A 56 -10.42 -3.52 27.33
C ASP A 56 -10.69 -3.28 25.85
N THR A 57 -10.43 -4.22 24.96
CA THR A 57 -10.74 -4.03 23.52
C THR A 57 -12.26 -3.81 23.37
N GLU A 58 -13.06 -4.62 24.07
CA GLU A 58 -14.54 -4.46 24.04
C GLU A 58 -14.95 -3.09 24.59
N LYS A 59 -14.41 -2.65 25.73
CA LYS A 59 -14.75 -1.32 26.33
C LYS A 59 -14.47 -0.20 25.33
N LEU A 60 -13.33 -0.32 24.65
CA LEU A 60 -12.85 0.69 23.69
C LEU A 60 -13.78 0.69 22.49
N VAL A 61 -14.08 -0.49 21.95
CA VAL A 61 -15.02 -0.61 20.81
C VAL A 61 -16.37 -0.02 21.22
N ASN A 62 -16.91 -0.42 22.37
CA ASN A 62 -18.23 0.04 22.81
C ASN A 62 -18.25 1.57 22.94
N TRP A 63 -17.19 2.19 23.42
CA TRP A 63 -17.13 3.67 23.59
C TRP A 63 -17.45 4.34 22.23
N PHE A 64 -16.88 3.83 21.15
CA PHE A 64 -17.03 4.47 19.82
C PHE A 64 -18.31 4.00 19.16
N VAL A 65 -18.69 2.75 19.32
CA VAL A 65 -19.94 2.23 18.72
C VAL A 65 -21.12 2.98 19.34
N GLU A 66 -21.02 3.40 20.62
CA GLU A 66 -22.15 4.13 21.26
C GLU A 66 -22.23 5.55 20.70
N ARG A 67 -21.17 6.06 20.09
CA ARG A 67 -21.16 7.39 19.40
C ARG A 67 -21.55 7.22 17.93
N GLY A 68 -21.88 6.02 17.47
CA GLY A 68 -22.44 5.75 16.14
C GLY A 68 -21.42 5.27 15.14
N TYR A 69 -20.15 5.14 15.54
CA TYR A 69 -19.09 4.71 14.62
C TYR A 69 -19.15 3.22 14.35
N LYS A 70 -18.81 2.85 13.13
CA LYS A 70 -18.48 1.46 12.77
C LYS A 70 -17.01 1.25 13.11
N ILE A 71 -16.63 0.16 13.78
CA ILE A 71 -15.19 -0.15 13.85
C ILE A 71 -14.80 -0.78 12.50
N LYS A 72 -14.30 0.05 11.60
CA LYS A 72 -14.06 -0.31 10.20
C LYS A 72 -12.89 -1.29 10.11
N GLY A 73 -11.88 -1.09 10.94
CA GLY A 73 -10.71 -1.97 10.93
C GLY A 73 -9.83 -1.71 12.13
N THR A 74 -8.96 -2.67 12.42
CA THR A 74 -7.90 -2.51 13.42
C THR A 74 -6.57 -2.89 12.81
N VAL A 75 -5.53 -2.17 13.20
CA VAL A 75 -4.14 -2.49 12.80
C VAL A 75 -3.32 -2.79 14.03
N SER A 76 -2.55 -3.86 14.03
CA SER A 76 -1.56 -4.16 15.11
C SER A 76 -0.16 -3.81 14.66
N SER A 77 0.53 -2.99 15.42
CA SER A 77 1.85 -2.41 15.00
C SER A 77 2.99 -3.41 15.21
N HIS A 78 2.77 -4.42 16.05
CA HIS A 78 3.73 -5.55 16.20
C HIS A 78 3.09 -6.70 16.96
N PHE A 79 3.82 -7.79 17.15
CA PHE A 79 3.19 -9.06 17.59
C PHE A 79 2.95 -9.05 19.10
N HIS A 80 3.58 -8.19 19.88
CA HIS A 80 3.49 -8.19 21.37
C HIS A 80 2.01 -8.03 21.74
N SER A 81 1.64 -8.53 22.91
CA SER A 81 0.24 -8.59 23.37
C SER A 81 -0.32 -7.16 23.57
N ASP A 82 0.54 -6.15 23.77
CA ASP A 82 0.07 -4.77 24.01
C ASP A 82 -0.37 -4.11 22.69
N SER A 83 -0.23 -4.81 21.56
CA SER A 83 -0.76 -4.40 20.23
C SER A 83 -1.81 -5.36 19.71
N THR A 84 -1.86 -6.61 20.18
CA THR A 84 -2.58 -7.72 19.54
C THR A 84 -3.57 -8.44 20.46
N GLY A 85 -3.56 -8.18 21.77
CA GLY A 85 -4.33 -8.98 22.73
C GLY A 85 -5.79 -9.09 22.35
N GLY A 86 -6.35 -8.05 21.75
CA GLY A 86 -7.78 -8.01 21.42
C GLY A 86 -8.16 -8.63 20.10
N ILE A 87 -7.22 -9.14 19.30
CA ILE A 87 -7.54 -9.60 17.91
C ILE A 87 -8.62 -10.71 17.97
N GLU A 88 -8.47 -11.69 18.84
CA GLU A 88 -9.38 -12.86 18.86
C GLU A 88 -10.79 -12.35 19.12
N TRP A 89 -10.94 -11.44 20.08
CA TRP A 89 -12.30 -10.90 20.37
C TRP A 89 -12.82 -10.16 19.14
N LEU A 90 -11.99 -9.31 18.53
CA LEU A 90 -12.44 -8.51 17.35
C LEU A 90 -12.90 -9.45 16.23
N ASN A 91 -12.13 -10.50 15.96
CA ASN A 91 -12.46 -11.48 14.90
C ASN A 91 -13.85 -12.10 15.24
N SER A 92 -14.12 -12.41 16.51
CA SER A 92 -15.44 -13.00 16.92
C SER A 92 -16.57 -11.99 16.64
N GLN A 93 -16.31 -10.70 16.62
CA GLN A 93 -17.31 -9.62 16.45
C GLN A 93 -17.35 -9.22 14.97
N SER A 94 -16.62 -9.91 14.10
CA SER A 94 -16.55 -9.60 12.65
C SER A 94 -16.07 -8.17 12.41
N ILE A 95 -15.20 -7.67 13.26
CA ILE A 95 -14.44 -6.42 13.01
C ILE A 95 -13.13 -6.78 12.32
N PRO A 96 -12.90 -6.32 11.07
CA PRO A 96 -11.69 -6.67 10.32
C PRO A 96 -10.43 -6.32 11.10
N THR A 97 -9.54 -7.30 11.29
CA THR A 97 -8.24 -7.09 11.97
C THR A 97 -7.14 -7.20 10.90
N TYR A 98 -6.13 -6.35 11.00
CA TYR A 98 -4.99 -6.30 10.06
C TYR A 98 -3.70 -6.37 10.86
N ALA A 99 -2.77 -7.10 10.27
CA ALA A 99 -1.35 -7.07 10.72
C ALA A 99 -0.49 -7.53 9.55
N SER A 100 0.79 -7.20 9.58
CA SER A 100 1.67 -7.64 8.49
C SER A 100 1.76 -9.18 8.51
N GLU A 101 2.19 -9.73 7.40
CA GLU A 101 2.50 -11.18 7.30
C GLU A 101 3.52 -11.56 8.38
N LEU A 102 4.60 -10.80 8.52
CA LEU A 102 5.60 -11.12 9.58
C LEU A 102 4.99 -11.09 10.97
N THR A 103 4.20 -10.06 11.27
CA THR A 103 3.51 -10.01 12.57
C THR A 103 2.66 -11.27 12.75
N ASN A 104 1.88 -11.66 11.73
CA ASN A 104 1.01 -12.85 11.85
C ASN A 104 1.90 -14.10 12.04
N GLU A 105 3.03 -14.17 11.36
CA GLU A 105 3.94 -15.35 11.54
C GLU A 105 4.43 -15.43 12.99
N LEU A 106 4.82 -14.31 13.58
CA LEU A 106 5.30 -14.23 14.98
C LEU A 106 4.16 -14.56 15.93
N LEU A 107 2.93 -14.09 15.66
CA LEU A 107 1.78 -14.46 16.51
C LEU A 107 1.58 -15.97 16.44
N LYS A 108 1.68 -16.53 15.27
CA LYS A 108 1.40 -17.98 15.09
C LYS A 108 2.49 -18.75 15.84
N LYS A 109 3.74 -18.32 15.72
CA LYS A 109 4.88 -19.01 16.38
C LYS A 109 4.68 -19.07 17.90
N ASP A 110 4.05 -18.04 18.49
CA ASP A 110 3.72 -18.00 19.93
C ASP A 110 2.34 -18.57 20.26
N GLY A 111 1.68 -19.19 19.30
CA GLY A 111 0.36 -19.84 19.47
C GLY A 111 -0.71 -18.80 19.78
N LYS A 112 -0.59 -17.59 19.23
CA LYS A 112 -1.58 -16.52 19.48
C LYS A 112 -2.44 -16.40 18.24
N VAL A 113 -3.59 -15.75 18.39
CA VAL A 113 -4.56 -15.64 17.29
C VAL A 113 -4.04 -14.61 16.29
N GLN A 114 -4.18 -14.90 15.02
CA GLN A 114 -3.67 -14.04 13.91
C GLN A 114 -4.75 -13.01 13.54
N ALA A 115 -4.30 -11.88 13.02
CA ALA A 115 -5.17 -10.93 12.29
C ALA A 115 -5.76 -11.65 11.09
N LYS A 116 -7.00 -11.32 10.77
CA LYS A 116 -7.68 -11.94 9.62
C LYS A 116 -7.04 -11.50 8.31
N ASN A 117 -6.67 -10.22 8.21
CA ASN A 117 -6.15 -9.61 6.96
C ASN A 117 -4.67 -9.34 7.13
N SER A 118 -3.85 -9.79 6.21
CA SER A 118 -2.42 -9.46 6.28
C SER A 118 -1.90 -8.83 4.99
N PHE A 119 -0.72 -8.26 5.08
CA PHE A 119 -0.08 -7.52 3.96
C PHE A 119 1.42 -7.65 4.15
N ASP A 120 2.17 -7.51 3.07
CA ASP A 120 3.64 -7.44 3.18
C ASP A 120 4.21 -6.23 2.45
N GLY A 121 3.38 -5.28 1.99
CA GLY A 121 3.93 -4.06 1.36
C GLY A 121 4.64 -3.20 2.36
N VAL A 122 5.70 -2.53 1.94
CA VAL A 122 6.50 -1.65 2.85
C VAL A 122 5.62 -0.52 3.39
N SER A 123 4.70 -0.03 2.58
CA SER A 123 3.56 0.84 2.96
C SER A 123 2.28 0.06 2.63
N TYR A 124 1.33 0.11 3.55
CA TYR A 124 -0.02 -0.39 3.36
C TYR A 124 -1.01 0.69 3.77
N TRP A 125 -1.83 1.12 2.84
CA TRP A 125 -2.77 2.24 3.01
C TRP A 125 -4.17 1.76 3.38
N LEU A 126 -4.70 2.33 4.49
CA LEU A 126 -6.11 2.14 4.88
C LEU A 126 -6.81 3.50 4.74
N ALA A 127 -8.14 3.41 4.58
CA ALA A 127 -9.00 4.56 4.30
C ALA A 127 -8.46 5.33 3.09
N LYS A 128 -8.02 4.60 2.06
CA LYS A 128 -7.59 5.12 0.75
C LYS A 128 -6.28 5.90 0.91
N ASP A 129 -6.32 7.11 1.51
CA ASP A 129 -5.10 7.95 1.58
C ASP A 129 -4.94 8.60 2.96
N LYS A 130 -5.53 8.01 3.99
CA LYS A 130 -5.56 8.66 5.32
C LYS A 130 -4.74 7.91 6.36
N ILE A 131 -4.48 6.62 6.18
CA ILE A 131 -3.82 5.81 7.24
C ILE A 131 -2.73 4.99 6.54
N GLU A 132 -1.48 5.34 6.79
CA GLU A 132 -0.35 4.61 6.19
C GLU A 132 0.31 3.73 7.24
N VAL A 133 0.34 2.44 6.98
CA VAL A 133 1.14 1.51 7.80
C VAL A 133 2.49 1.35 7.11
N PHE A 134 3.58 1.69 7.80
CA PHE A 134 4.94 1.72 7.20
C PHE A 134 5.91 0.87 7.99
N TYR A 135 6.71 0.10 7.26
CA TYR A 135 7.75 -0.72 7.90
C TYR A 135 9.11 -0.02 7.75
N PRO A 136 9.73 0.49 8.85
CA PRO A 136 11.02 1.17 8.72
C PRO A 136 12.22 0.19 8.76
N GLY A 137 11.92 -1.04 9.13
CA GLY A 137 12.91 -2.09 9.39
C GLY A 137 12.87 -2.52 10.84
N PRO A 138 13.65 -3.55 11.20
CA PRO A 138 13.67 -4.03 12.57
C PRO A 138 14.14 -3.00 13.60
N GLY A 139 13.65 -3.16 14.83
CA GLY A 139 14.10 -2.34 15.96
C GLY A 139 13.72 -3.00 17.25
N HIS A 140 12.70 -2.45 17.90
CA HIS A 140 12.08 -3.03 19.11
C HIS A 140 11.71 -4.50 18.85
N THR A 141 11.17 -4.80 17.67
CA THR A 141 10.93 -6.19 17.22
C THR A 141 11.28 -6.28 15.74
N GLN A 142 11.27 -7.49 15.20
CA GLN A 142 11.63 -7.73 13.78
C GLN A 142 10.57 -7.08 12.90
N ASP A 143 9.33 -7.07 13.39
CA ASP A 143 8.10 -6.83 12.56
C ASP A 143 7.51 -5.43 12.82
N ASN A 144 8.08 -4.64 13.71
CA ASN A 144 7.46 -3.34 14.13
C ASN A 144 7.13 -2.44 12.93
N VAL A 145 5.88 -1.96 12.87
CA VAL A 145 5.44 -0.95 11.88
C VAL A 145 4.95 0.29 12.66
N VAL A 146 4.97 1.40 11.94
CA VAL A 146 4.39 2.69 12.41
C VAL A 146 3.17 3.00 11.60
N VAL A 147 2.37 3.91 12.12
CA VAL A 147 1.13 4.32 11.41
C VAL A 147 1.10 5.83 11.29
N TRP A 148 1.07 6.31 10.05
CA TRP A 148 1.13 7.74 9.70
C TRP A 148 -0.24 8.24 9.32
N LEU A 149 -0.62 9.39 9.86
CA LEU A 149 -1.87 10.07 9.48
C LEU A 149 -1.49 11.35 8.74
N PRO A 150 -1.40 11.31 7.40
CA PRO A 150 -0.88 12.45 6.64
C PRO A 150 -1.75 13.70 6.81
N GLU A 151 -3.05 13.58 6.98
CA GLU A 151 -3.95 14.77 7.08
C GLU A 151 -3.74 15.50 8.42
N LYS A 152 -3.18 14.82 9.42
CA LYS A 152 -2.98 15.41 10.76
C LYS A 152 -1.49 15.64 11.03
N GLU A 153 -0.63 15.03 10.23
CA GLU A 153 0.83 14.98 10.45
C GLU A 153 1.09 14.37 11.82
N ILE A 154 0.34 13.30 12.17
CA ILE A 154 0.57 12.56 13.42
C ILE A 154 1.14 11.18 13.06
N LEU A 155 2.24 10.83 13.69
CA LEU A 155 2.85 9.49 13.56
C LEU A 155 2.59 8.70 14.83
N PHE A 156 1.96 7.51 14.69
CA PHE A 156 1.92 6.50 15.76
C PHE A 156 3.18 5.65 15.62
N GLY A 157 4.16 5.96 16.46
CA GLY A 157 5.46 5.25 16.40
C GLY A 157 5.39 3.89 17.06
N GLY A 158 4.35 3.63 17.85
CA GLY A 158 4.23 2.41 18.63
C GLY A 158 5.43 2.15 19.48
N CYS A 159 5.85 0.91 19.55
CA CYS A 159 6.89 0.51 20.51
C CYS A 159 8.27 0.58 19.87
N PHE A 160 8.35 0.98 18.61
CA PHE A 160 9.63 1.34 17.94
C PHE A 160 10.16 2.66 18.51
N VAL A 161 9.27 3.60 18.72
CA VAL A 161 9.70 4.95 19.18
C VAL A 161 9.97 4.89 20.69
N LYS A 162 11.23 5.10 21.05
CA LYS A 162 11.72 4.98 22.44
C LYS A 162 12.71 6.12 22.69
N PRO A 163 12.19 7.32 22.92
CA PRO A 163 13.03 8.48 23.05
C PRO A 163 13.83 8.56 24.35
N HIS A 164 13.46 7.78 25.36
CA HIS A 164 14.10 7.89 26.70
C HIS A 164 14.89 6.66 27.07
N GLY A 165 14.89 5.67 26.21
CA GLY A 165 15.58 4.40 26.50
C GLY A 165 14.88 3.29 25.75
N LEU A 166 15.60 2.22 25.40
CA LEU A 166 15.10 1.15 24.50
C LEU A 166 14.16 0.14 25.17
N GLY A 167 14.14 0.09 26.50
CA GLY A 167 13.29 -0.87 27.21
C GLY A 167 13.74 -2.31 27.02
N ASN A 168 12.80 -3.24 27.04
CA ASN A 168 13.07 -4.71 26.96
C ASN A 168 13.62 -5.10 25.58
N LEU A 169 14.86 -5.60 25.54
CA LEU A 169 15.55 -5.94 24.27
C LEU A 169 15.41 -7.42 23.85
N GLY A 170 14.60 -8.18 24.56
CA GLY A 170 14.41 -9.62 24.33
C GLY A 170 14.08 -9.96 22.90
N ASP A 171 13.24 -9.17 22.23
CA ASP A 171 12.86 -9.48 20.84
C ASP A 171 13.43 -8.43 19.89
N ALA A 172 14.38 -7.62 20.38
CA ALA A 172 14.90 -6.49 19.59
C ALA A 172 16.00 -6.91 18.63
N ASN A 173 16.17 -6.07 17.62
CA ASN A 173 17.27 -6.20 16.64
C ASN A 173 18.15 -4.96 16.87
N LEU A 174 19.08 -5.04 17.81
CA LEU A 174 19.94 -3.87 18.11
C LEU A 174 20.82 -3.48 16.91
N GLU A 175 21.24 -4.43 16.09
CA GLU A 175 22.11 -4.06 14.96
C GLU A 175 21.35 -3.25 13.92
N ALA A 176 20.07 -3.57 13.77
CA ALA A 176 19.24 -2.93 12.73
C ALA A 176 18.60 -1.64 13.21
N TRP A 177 18.38 -1.51 14.50
CA TRP A 177 17.58 -0.39 15.03
C TRP A 177 18.08 0.98 14.56
N PRO A 178 19.38 1.30 14.61
CA PRO A 178 19.80 2.60 14.17
C PRO A 178 19.39 2.93 12.72
N GLU A 179 19.61 2.02 11.80
CA GLU A 179 19.32 2.32 10.38
C GLU A 179 17.80 2.51 10.22
N SER A 180 17.03 1.65 10.90
CA SER A 180 15.55 1.71 10.83
C SER A 180 15.08 3.08 11.36
N ALA A 181 15.69 3.52 12.44
CA ALA A 181 15.38 4.80 13.07
C ALA A 181 15.78 5.95 12.15
N LYS A 182 16.90 5.81 11.47
CA LYS A 182 17.34 6.88 10.53
C LYS A 182 16.33 6.94 9.38
N ILE A 183 15.91 5.80 8.88
CA ILE A 183 14.87 5.78 7.82
C ILE A 183 13.60 6.46 8.30
N LEU A 184 13.20 6.18 9.54
CA LEU A 184 11.97 6.79 10.08
C LEU A 184 12.16 8.31 10.24
N MET A 185 13.28 8.76 10.76
CA MET A 185 13.50 10.22 10.93
C MET A 185 13.44 10.91 9.58
N GLU A 186 14.08 10.31 8.59
CA GLU A 186 14.15 10.96 7.27
C GLU A 186 12.78 11.03 6.59
N LYS A 187 11.92 10.06 6.84
CA LYS A 187 10.63 10.09 6.13
C LYS A 187 9.58 10.92 6.88
N TYR A 188 9.65 10.91 8.20
CA TYR A 188 8.57 11.56 8.99
C TYR A 188 9.08 12.74 9.81
N GLY A 189 10.15 13.38 9.37
CA GLY A 189 10.65 14.58 10.08
C GLY A 189 9.66 15.74 10.06
N LYS A 190 8.72 15.79 9.13
CA LYS A 190 7.66 16.82 9.07
C LYS A 190 6.59 16.60 10.15
N ALA A 191 6.58 15.47 10.86
CA ALA A 191 5.57 15.16 11.88
C ALA A 191 5.35 16.31 12.87
N LYS A 192 4.09 16.57 13.19
CA LYS A 192 3.71 17.57 14.20
C LYS A 192 3.76 16.84 15.56
N LEU A 193 3.23 15.62 15.60
CA LEU A 193 3.21 14.84 16.85
C LEU A 193 3.62 13.41 16.56
N VAL A 194 4.33 12.85 17.52
CA VAL A 194 4.76 11.43 17.51
C VAL A 194 4.22 10.78 18.78
N VAL A 195 3.33 9.82 18.58
CA VAL A 195 2.73 9.07 19.70
C VAL A 195 3.54 7.79 19.83
N SER A 196 3.99 7.54 21.05
CA SER A 196 4.86 6.40 21.39
C SER A 196 4.04 5.37 22.19
N GLY A 197 4.42 4.10 22.14
CA GLY A 197 3.63 3.11 22.88
C GLY A 197 3.78 3.24 24.39
N HIS A 198 4.96 3.69 24.85
CA HIS A 198 5.21 3.64 26.32
C HIS A 198 5.67 4.97 26.91
N SER A 199 5.68 6.03 26.14
CA SER A 199 6.03 7.32 26.74
C SER A 199 5.04 8.40 26.30
N GLU A 200 5.20 9.57 26.87
CA GLU A 200 4.33 10.69 26.53
C GLU A 200 4.55 11.12 25.08
N THR A 201 3.50 11.58 24.45
CA THR A 201 3.54 12.09 23.07
C THR A 201 4.56 13.24 22.96
N GLY A 202 5.25 13.29 21.84
CA GLY A 202 6.23 14.36 21.66
C GLY A 202 6.09 14.98 20.30
N ASP A 203 7.06 15.80 19.94
CA ASP A 203 7.09 16.37 18.57
C ASP A 203 7.96 15.47 17.69
N ALA A 204 8.43 15.97 16.56
CA ALA A 204 9.28 15.15 15.65
C ALA A 204 10.65 14.80 16.24
N THR A 205 11.10 15.43 17.33
CA THR A 205 12.38 15.11 17.98
C THR A 205 12.36 13.73 18.62
N HIS A 206 11.20 13.12 18.86
CA HIS A 206 11.11 11.72 19.32
C HIS A 206 11.81 10.77 18.32
N LEU A 207 11.77 11.07 17.01
CA LEU A 207 12.44 10.20 16.01
C LEU A 207 13.96 10.32 16.16
N LYS A 208 14.49 11.54 16.23
CA LYS A 208 15.95 11.67 16.42
C LYS A 208 16.37 11.04 17.76
N ARG A 209 15.59 11.29 18.81
CA ARG A 209 15.89 10.72 20.14
C ARG A 209 15.93 9.17 20.07
N THR A 210 14.96 8.55 19.39
CA THR A 210 14.98 7.08 19.22
C THR A 210 16.28 6.67 18.51
N TRP A 211 16.66 7.35 17.43
CA TRP A 211 17.90 7.06 16.67
C TRP A 211 19.09 7.16 17.64
N GLU A 212 19.18 8.23 18.44
CA GLU A 212 20.28 8.37 19.46
C GLU A 212 20.28 7.20 20.43
N GLN A 213 19.11 6.82 20.93
CA GLN A 213 18.99 5.74 21.92
C GLN A 213 19.41 4.43 21.27
N ALA A 214 19.03 4.22 20.00
CA ALA A 214 19.34 2.96 19.31
C ALA A 214 20.87 2.90 19.09
N VAL A 215 21.46 4.01 18.64
CA VAL A 215 22.95 4.09 18.45
C VAL A 215 23.63 3.78 19.80
N LYS A 216 23.17 4.42 20.86
CA LYS A 216 23.80 4.29 22.20
C LYS A 216 23.67 2.85 22.67
N GLY A 217 22.48 2.27 22.54
CA GLY A 217 22.17 0.88 22.95
C GLY A 217 23.02 -0.14 22.22
N LEU A 218 23.23 0.05 20.92
CA LEU A 218 24.06 -0.87 20.11
C LEU A 218 25.50 -0.82 20.66
N LYS A 219 26.04 0.40 20.84
CA LYS A 219 27.45 0.58 21.29
C LYS A 219 27.64 -0.04 22.68
N GLU A 220 26.74 0.17 23.64
CA GLU A 220 26.87 -0.47 24.99
C GLU A 220 26.85 -1.99 24.86
N SER A 221 26.12 -2.55 23.88
CA SER A 221 26.02 -4.01 23.65
C SER A 221 27.37 -4.58 23.15
N LYS A 222 28.24 -3.72 22.60
CA LYS A 222 29.54 -4.10 21.99
C LYS A 222 30.68 -3.67 22.92
N LEU B 5 -3.00 -9.50 -38.78
CA LEU B 5 -2.92 -8.97 -37.37
C LEU B 5 -1.58 -9.42 -36.76
N PRO B 6 -0.68 -8.51 -36.33
CA PRO B 6 0.62 -8.94 -35.84
C PRO B 6 0.45 -9.84 -34.59
N ASN B 7 1.45 -10.68 -34.34
CA ASN B 7 1.50 -11.60 -33.19
C ASN B 7 2.02 -10.87 -31.94
N LEU B 8 1.64 -11.40 -30.78
CA LEU B 8 2.16 -10.97 -29.48
C LEU B 8 3.69 -10.87 -29.57
N ARG B 9 4.25 -9.81 -29.04
CA ARG B 9 5.71 -9.57 -29.00
C ARG B 9 6.09 -9.41 -27.52
N VAL B 10 7.23 -9.93 -27.16
CA VAL B 10 7.86 -9.71 -25.84
C VAL B 10 9.29 -9.24 -26.13
N GLU B 11 9.69 -8.10 -25.60
CA GLU B 11 11.07 -7.57 -25.77
C GLU B 11 11.63 -7.18 -24.41
N LYS B 12 12.90 -7.47 -24.18
CA LYS B 12 13.58 -7.04 -22.94
C LYS B 12 13.83 -5.53 -22.98
N LEU B 13 13.40 -4.82 -21.94
CA LEU B 13 13.63 -3.37 -21.77
C LEU B 13 14.91 -3.20 -20.96
N GLU B 14 15.05 -4.00 -19.92
CA GLU B 14 16.35 -4.24 -19.26
C GLU B 14 16.22 -5.40 -18.29
N GLU B 15 17.26 -5.64 -17.49
CA GLU B 15 17.30 -6.80 -16.60
C GLU B 15 15.99 -6.85 -15.80
N GLY B 16 15.30 -7.97 -15.90
CA GLY B 16 14.05 -8.20 -15.14
C GLY B 16 12.87 -7.35 -15.57
N VAL B 17 12.91 -6.66 -16.71
CA VAL B 17 11.73 -5.88 -17.18
C VAL B 17 11.53 -6.11 -18.66
N TYR B 18 10.36 -6.66 -19.04
CA TYR B 18 10.00 -6.97 -20.44
C TYR B 18 8.80 -6.11 -20.78
N VAL B 19 8.71 -5.70 -22.03
CA VAL B 19 7.47 -5.10 -22.58
C VAL B 19 6.80 -6.18 -23.40
N HIS B 20 5.53 -6.42 -23.16
CA HIS B 20 4.67 -7.20 -24.05
C HIS B 20 3.79 -6.25 -24.86
N THR B 21 3.65 -6.56 -26.13
CA THR B 21 2.83 -5.81 -27.04
C THR B 21 1.86 -6.76 -27.72
N SER B 22 0.58 -6.40 -27.66
CA SER B 22 -0.48 -7.21 -28.26
C SER B 22 -1.30 -6.28 -29.14
N TYR B 23 -2.10 -6.87 -30.02
CA TYR B 23 -2.86 -6.10 -31.04
C TYR B 23 -4.32 -6.54 -31.12
N GLU B 24 -5.24 -5.64 -31.42
CA GLU B 24 -6.68 -5.99 -31.56
C GLU B 24 -7.24 -5.20 -32.75
N GLU B 25 -7.98 -5.88 -33.61
CA GLU B 25 -8.75 -5.18 -34.67
C GLU B 25 -10.03 -4.68 -34.03
N VAL B 26 -10.24 -3.35 -33.94
CA VAL B 26 -11.52 -2.72 -33.54
C VAL B 26 -12.39 -2.56 -34.80
N LYS B 27 -13.44 -3.38 -34.88
CA LYS B 27 -14.29 -3.48 -36.09
C LYS B 27 -14.87 -2.12 -36.43
N GLY B 28 -14.69 -1.69 -37.69
CA GLY B 28 -15.18 -0.40 -38.21
C GLY B 28 -14.27 0.76 -37.88
N TRP B 29 -13.12 0.54 -37.20
CA TRP B 29 -12.18 1.64 -36.89
C TRP B 29 -10.76 1.35 -37.39
N GLY B 30 -10.11 0.27 -36.93
CA GLY B 30 -8.69 0.03 -37.22
C GLY B 30 -8.06 -0.89 -36.19
N VAL B 31 -6.76 -0.79 -36.03
CA VAL B 31 -5.99 -1.76 -35.19
C VAL B 31 -5.34 -0.99 -34.06
N VAL B 32 -5.51 -1.49 -32.85
CA VAL B 32 -4.93 -0.90 -31.63
C VAL B 32 -3.71 -1.74 -31.21
N THR B 33 -2.65 -1.04 -30.85
CA THR B 33 -1.41 -1.63 -30.29
C THR B 33 -1.43 -1.30 -28.80
N LYS B 34 -1.19 -2.32 -27.96
CA LYS B 34 -1.16 -2.16 -26.50
C LYS B 34 0.11 -2.75 -25.89
N HIS B 35 0.83 -1.94 -25.11
CA HIS B 35 2.02 -2.36 -24.32
C HIS B 35 1.67 -2.59 -22.87
N GLY B 36 2.17 -3.68 -22.30
CA GLY B 36 2.23 -3.90 -20.85
C GLY B 36 3.60 -4.38 -20.44
N LEU B 37 3.78 -4.76 -19.16
CA LEU B 37 5.11 -5.25 -18.72
C LEU B 37 5.03 -6.67 -18.21
N VAL B 38 6.18 -7.33 -18.21
CA VAL B 38 6.46 -8.45 -17.29
C VAL B 38 7.65 -8.06 -16.40
N VAL B 39 7.47 -8.18 -15.09
CA VAL B 39 8.48 -7.77 -14.10
C VAL B 39 8.92 -9.01 -13.34
N LEU B 40 10.23 -9.24 -13.31
CA LEU B 40 10.83 -10.41 -12.64
C LEU B 40 11.48 -9.96 -11.34
N ILE B 41 11.06 -10.58 -10.25
CA ILE B 41 11.54 -10.34 -8.86
C ILE B 41 11.99 -11.73 -8.36
N GLY B 42 13.28 -12.01 -8.38
CA GLY B 42 13.78 -13.36 -8.08
C GLY B 42 13.20 -14.37 -9.00
N ALA B 43 12.51 -15.40 -8.46
CA ALA B 43 11.90 -16.49 -9.23
C ALA B 43 10.42 -16.22 -9.50
N ASP B 44 9.95 -15.01 -9.17
CA ASP B 44 8.55 -14.58 -9.38
C ASP B 44 8.42 -13.66 -10.61
N ALA B 45 7.36 -13.84 -11.37
CA ALA B 45 7.02 -12.93 -12.51
C ALA B 45 5.67 -12.29 -12.19
N TYR B 46 5.57 -10.97 -12.42
CA TYR B 46 4.31 -10.20 -12.36
C TYR B 46 3.95 -9.70 -13.74
N LEU B 47 2.69 -9.91 -14.15
CA LEU B 47 2.21 -9.33 -15.41
C LEU B 47 1.62 -7.97 -15.08
N ILE B 48 2.12 -6.92 -15.74
CA ILE B 48 1.48 -5.58 -15.59
C ILE B 48 0.64 -5.39 -16.86
N ASP B 49 -0.67 -5.54 -16.67
CA ASP B 49 -1.70 -5.54 -17.71
C ASP B 49 -1.68 -6.86 -18.50
N THR B 50 -2.86 -7.35 -18.82
CA THR B 50 -3.00 -8.52 -19.69
C THR B 50 -3.14 -8.04 -21.11
N PRO B 51 -2.66 -8.80 -22.08
CA PRO B 51 -3.13 -8.59 -23.46
C PRO B 51 -4.67 -8.59 -23.56
N PHE B 52 -5.17 -8.18 -24.74
CA PHE B 52 -6.61 -8.19 -25.02
C PHE B 52 -7.26 -9.57 -24.83
N THR B 53 -6.56 -10.66 -25.17
CA THR B 53 -7.15 -12.00 -25.25
C THR B 53 -6.53 -12.92 -24.23
N ALA B 54 -7.34 -13.87 -23.81
CA ALA B 54 -6.87 -15.03 -23.05
C ALA B 54 -5.79 -15.78 -23.84
N LYS B 55 -5.92 -15.91 -25.15
CA LYS B 55 -4.90 -16.64 -25.91
C LYS B 55 -3.52 -15.99 -25.77
N ASP B 56 -3.46 -14.69 -25.95
CA ASP B 56 -2.18 -13.93 -25.81
C ASP B 56 -1.72 -13.96 -24.35
N THR B 57 -2.64 -13.93 -23.40
CA THR B 57 -2.27 -13.97 -21.97
C THR B 57 -1.58 -15.32 -21.69
N GLU B 58 -2.16 -16.41 -22.21
CA GLU B 58 -1.60 -17.75 -22.03
C GLU B 58 -0.22 -17.85 -22.70
N LYS B 59 -0.05 -17.32 -23.91
CA LYS B 59 1.28 -17.34 -24.56
C LYS B 59 2.30 -16.64 -23.67
N LEU B 60 1.91 -15.50 -23.09
CA LEU B 60 2.83 -14.69 -22.27
C LEU B 60 3.15 -15.41 -20.97
N VAL B 61 2.18 -16.03 -20.31
CA VAL B 61 2.36 -16.85 -19.08
C VAL B 61 3.28 -18.04 -19.42
N ASN B 62 3.02 -18.73 -20.51
CA ASN B 62 3.79 -19.95 -20.86
C ASN B 62 5.25 -19.58 -21.12
N TRP B 63 5.50 -18.44 -21.74
CA TRP B 63 6.90 -18.00 -22.07
C TRP B 63 7.71 -17.85 -20.77
N PHE B 64 7.12 -17.25 -19.75
CA PHE B 64 7.83 -17.07 -18.44
C PHE B 64 7.81 -18.35 -17.62
N VAL B 65 6.72 -19.12 -17.62
CA VAL B 65 6.69 -20.38 -16.84
C VAL B 65 7.73 -21.34 -17.43
N GLU B 66 7.93 -21.29 -18.74
CA GLU B 66 8.98 -22.15 -19.39
C GLU B 66 10.38 -21.72 -18.93
N ARG B 67 10.57 -20.48 -18.53
CA ARG B 67 11.88 -19.99 -18.01
C ARG B 67 11.97 -20.23 -16.49
N GLY B 68 11.00 -20.90 -15.88
CA GLY B 68 11.07 -21.32 -14.47
C GLY B 68 10.38 -20.36 -13.51
N TYR B 69 9.74 -19.32 -14.01
CA TYR B 69 9.05 -18.34 -13.16
C TYR B 69 7.70 -18.88 -12.72
N LYS B 70 7.29 -18.52 -11.52
CA LYS B 70 5.90 -18.62 -11.10
C LYS B 70 5.24 -17.29 -11.47
N ILE B 71 4.03 -17.32 -12.01
CA ILE B 71 3.26 -16.04 -12.19
C ILE B 71 2.64 -15.70 -10.86
N LYS B 72 3.29 -14.82 -10.12
CA LYS B 72 2.97 -14.54 -8.71
C LYS B 72 1.74 -13.65 -8.67
N GLY B 73 1.56 -12.81 -9.68
CA GLY B 73 0.38 -11.95 -9.72
C GLY B 73 0.33 -11.17 -11.02
N THR B 74 -0.86 -10.69 -11.33
CA THR B 74 -1.12 -9.78 -12.43
C THR B 74 -1.82 -8.55 -11.87
N VAL B 75 -1.47 -7.39 -12.40
CA VAL B 75 -2.13 -6.12 -12.05
C VAL B 75 -2.76 -5.54 -13.31
N SER B 76 -4.03 -5.14 -13.27
CA SER B 76 -4.64 -4.42 -14.39
C SER B 76 -4.69 -2.93 -14.03
N SER B 77 -4.19 -2.08 -14.93
CA SER B 77 -4.04 -0.61 -14.72
C SER B 77 -5.38 0.11 -14.91
N HIS B 78 -6.33 -0.46 -15.65
CA HIS B 78 -7.71 0.10 -15.76
C HIS B 78 -8.65 -0.93 -16.32
N PHE B 79 -9.93 -0.60 -16.44
CA PHE B 79 -10.93 -1.66 -16.67
C PHE B 79 -11.00 -2.03 -18.15
N HIS B 80 -10.50 -1.17 -19.06
CA HIS B 80 -10.52 -1.45 -20.52
C HIS B 80 -9.91 -2.83 -20.79
N SER B 81 -10.43 -3.51 -21.83
CA SER B 81 -10.05 -4.89 -22.18
C SER B 81 -8.56 -5.00 -22.53
N ASP B 82 -7.90 -3.92 -22.88
CA ASP B 82 -6.46 -3.90 -23.22
C ASP B 82 -5.61 -3.96 -21.94
N SER B 83 -6.26 -3.94 -20.77
CA SER B 83 -5.59 -4.18 -19.47
C SER B 83 -6.15 -5.41 -18.76
N THR B 84 -7.38 -5.84 -19.07
CA THR B 84 -8.14 -6.84 -18.28
C THR B 84 -8.62 -8.05 -19.08
N GLY B 85 -8.42 -8.12 -20.41
CA GLY B 85 -8.99 -9.19 -21.26
C GLY B 85 -8.70 -10.59 -20.75
N GLY B 86 -7.51 -10.80 -20.19
CA GLY B 86 -7.05 -12.14 -19.74
C GLY B 86 -7.43 -12.48 -18.32
N ILE B 87 -8.13 -11.60 -17.59
CA ILE B 87 -8.38 -11.85 -16.15
C ILE B 87 -9.13 -13.18 -15.97
N GLU B 88 -10.20 -13.39 -16.76
CA GLU B 88 -11.04 -14.60 -16.55
C GLU B 88 -10.17 -15.84 -16.73
N TRP B 89 -9.35 -15.90 -17.76
CA TRP B 89 -8.43 -17.02 -18.01
C TRP B 89 -7.45 -17.19 -16.85
N LEU B 90 -6.81 -16.11 -16.45
CA LEU B 90 -5.87 -16.19 -15.29
C LEU B 90 -6.59 -16.76 -14.05
N ASN B 91 -7.78 -16.25 -13.75
CA ASN B 91 -8.55 -16.75 -12.60
C ASN B 91 -8.78 -18.26 -12.75
N SER B 92 -9.07 -18.73 -13.97
CA SER B 92 -9.32 -20.18 -14.24
C SER B 92 -8.06 -20.98 -13.95
N GLN B 93 -6.87 -20.39 -14.05
CA GLN B 93 -5.57 -21.07 -13.81
C GLN B 93 -5.11 -20.87 -12.36
N SER B 94 -5.92 -20.20 -11.52
CA SER B 94 -5.56 -19.81 -10.14
C SER B 94 -4.29 -18.96 -10.13
N ILE B 95 -4.05 -18.16 -11.16
CA ILE B 95 -2.98 -17.14 -11.11
C ILE B 95 -3.56 -15.88 -10.48
N PRO B 96 -3.06 -15.41 -9.33
CA PRO B 96 -3.65 -14.26 -8.66
C PRO B 96 -3.76 -13.01 -9.55
N THR B 97 -4.97 -12.48 -9.66
CA THR B 97 -5.22 -11.24 -10.40
C THR B 97 -5.53 -10.13 -9.40
N TYR B 98 -5.04 -8.93 -9.69
CA TYR B 98 -5.24 -7.73 -8.87
C TYR B 98 -5.76 -6.60 -9.72
N ALA B 99 -6.67 -5.81 -9.12
CA ALA B 99 -7.15 -4.54 -9.68
C ALA B 99 -7.73 -3.73 -8.53
N SER B 100 -7.72 -2.42 -8.67
CA SER B 100 -8.33 -1.54 -7.64
C SER B 100 -9.83 -1.87 -7.48
N GLU B 101 -10.39 -1.54 -6.33
CA GLU B 101 -11.85 -1.59 -6.11
C GLU B 101 -12.56 -0.81 -7.22
N LEU B 102 -12.08 0.37 -7.63
CA LEU B 102 -12.82 1.13 -8.67
C LEU B 102 -12.74 0.37 -10.00
N THR B 103 -11.60 -0.20 -10.32
CA THR B 103 -11.48 -0.98 -11.59
C THR B 103 -12.48 -2.15 -11.57
N ASN B 104 -12.56 -2.86 -10.46
CA ASN B 104 -13.44 -4.04 -10.32
C ASN B 104 -14.90 -3.61 -10.43
N GLU B 105 -15.24 -2.44 -9.90
CA GLU B 105 -16.62 -1.91 -9.97
C GLU B 105 -16.98 -1.68 -11.43
N LEU B 106 -16.07 -1.08 -12.19
CA LEU B 106 -16.31 -0.74 -13.61
C LEU B 106 -16.37 -2.01 -14.44
N LEU B 107 -15.52 -3.01 -14.16
CA LEU B 107 -15.63 -4.33 -14.81
C LEU B 107 -17.02 -4.90 -14.53
N LYS B 108 -17.44 -4.89 -13.28
CA LYS B 108 -18.73 -5.50 -12.85
C LYS B 108 -19.87 -4.80 -13.60
N LYS B 109 -19.81 -3.47 -13.71
CA LYS B 109 -20.86 -2.64 -14.36
C LYS B 109 -20.97 -3.01 -15.85
N ASP B 110 -19.89 -3.51 -16.47
CA ASP B 110 -19.88 -4.00 -17.87
C ASP B 110 -20.04 -5.53 -17.95
N GLY B 111 -20.43 -6.20 -16.88
CA GLY B 111 -20.67 -7.65 -16.85
C GLY B 111 -19.40 -8.40 -17.21
N LYS B 112 -18.24 -7.78 -16.96
CA LYS B 112 -16.90 -8.39 -17.15
C LYS B 112 -16.45 -9.02 -15.82
N VAL B 113 -15.57 -9.98 -15.93
CA VAL B 113 -15.07 -10.75 -14.78
C VAL B 113 -14.10 -9.86 -14.00
N GLN B 114 -14.15 -9.97 -12.68
CA GLN B 114 -13.35 -9.11 -11.77
C GLN B 114 -12.03 -9.79 -11.42
N ALA B 115 -11.01 -8.98 -11.07
CA ALA B 115 -9.78 -9.46 -10.42
C ALA B 115 -10.17 -10.09 -9.08
N LYS B 116 -9.46 -11.12 -8.68
CA LYS B 116 -9.75 -11.86 -7.42
C LYS B 116 -9.28 -11.05 -6.20
N ASN B 117 -8.30 -10.19 -6.35
CA ASN B 117 -7.66 -9.41 -5.27
C ASN B 117 -7.85 -7.92 -5.60
N SER B 118 -8.46 -7.17 -4.70
CA SER B 118 -8.68 -5.74 -4.94
C SER B 118 -8.01 -4.96 -3.82
N PHE B 119 -7.94 -3.66 -4.01
CA PHE B 119 -7.28 -2.71 -3.07
C PHE B 119 -7.86 -1.34 -3.34
N ASP B 120 -7.90 -0.48 -2.34
CA ASP B 120 -8.36 0.91 -2.58
C ASP B 120 -7.31 1.88 -2.03
N GLY B 121 -6.14 1.39 -1.62
CA GLY B 121 -5.08 2.32 -1.18
C GLY B 121 -4.57 3.14 -2.35
N VAL B 122 -4.19 4.39 -2.08
CA VAL B 122 -3.69 5.33 -3.10
C VAL B 122 -2.41 4.75 -3.69
N SER B 123 -1.60 4.12 -2.86
CA SER B 123 -0.48 3.27 -3.28
C SER B 123 -0.77 1.87 -2.77
N TYR B 124 -0.48 0.87 -3.60
CA TYR B 124 -0.55 -0.55 -3.21
C TYR B 124 0.73 -1.20 -3.69
N TRP B 125 1.48 -1.78 -2.75
CA TRP B 125 2.83 -2.33 -2.98
C TRP B 125 2.76 -3.83 -3.14
N LEU B 126 3.29 -4.32 -4.26
CA LEU B 126 3.57 -5.75 -4.52
C LEU B 126 5.07 -6.00 -4.44
N ALA B 127 5.42 -7.27 -4.19
CA ALA B 127 6.83 -7.67 -4.02
C ALA B 127 7.51 -6.83 -2.93
N LYS B 128 6.77 -6.54 -1.84
CA LYS B 128 7.22 -5.79 -0.64
C LYS B 128 7.53 -4.32 -0.97
N ASP B 129 8.60 -4.03 -1.71
CA ASP B 129 9.03 -2.64 -1.96
C ASP B 129 9.47 -2.45 -3.40
N LYS B 130 9.02 -3.29 -4.32
CA LYS B 130 9.56 -3.33 -5.70
C LYS B 130 8.55 -2.86 -6.74
N ILE B 131 7.26 -2.98 -6.47
CA ILE B 131 6.16 -2.67 -7.42
C ILE B 131 5.12 -1.82 -6.71
N GLU B 132 5.05 -0.56 -7.08
CA GLU B 132 4.07 0.38 -6.52
C GLU B 132 2.96 0.57 -7.53
N VAL B 133 1.74 0.25 -7.11
CA VAL B 133 0.55 0.61 -7.91
C VAL B 133 -0.01 1.91 -7.34
N PHE B 134 -0.03 2.98 -8.14
CA PHE B 134 -0.34 4.35 -7.68
C PHE B 134 -1.49 4.96 -8.47
N TYR B 135 -2.43 5.57 -7.76
CA TYR B 135 -3.61 6.26 -8.33
C TYR B 135 -3.39 7.77 -8.36
N PRO B 136 -3.17 8.38 -9.56
CA PRO B 136 -2.92 9.81 -9.67
C PRO B 136 -4.21 10.64 -9.64
N GLY B 137 -5.36 9.97 -9.81
CA GLY B 137 -6.69 10.58 -10.05
C GLY B 137 -7.22 10.22 -11.43
N PRO B 138 -8.51 10.56 -11.69
CA PRO B 138 -9.09 10.32 -13.01
C PRO B 138 -8.31 11.01 -14.15
N GLY B 139 -8.37 10.40 -15.33
CA GLY B 139 -7.77 10.92 -16.57
C GLY B 139 -8.40 10.23 -17.77
N HIS B 140 -7.63 9.37 -18.41
CA HIS B 140 -8.10 8.51 -19.51
C HIS B 140 -9.36 7.78 -19.06
N THR B 141 -9.37 7.28 -17.82
CA THR B 141 -10.54 6.66 -17.16
C THR B 141 -10.57 7.11 -15.70
N GLN B 142 -11.69 6.86 -15.04
CA GLN B 142 -11.95 7.20 -13.61
C GLN B 142 -10.93 6.45 -12.76
N ASP B 143 -10.57 5.23 -13.18
CA ASP B 143 -9.90 4.20 -12.31
C ASP B 143 -8.40 4.08 -12.60
N ASN B 144 -7.87 4.75 -13.62
CA ASN B 144 -6.51 4.48 -14.15
C ASN B 144 -5.45 4.59 -13.04
N VAL B 145 -4.65 3.53 -12.92
CA VAL B 145 -3.45 3.56 -12.03
C VAL B 145 -2.18 3.43 -12.87
N VAL B 146 -1.07 3.79 -12.25
CA VAL B 146 0.27 3.55 -12.84
C VAL B 146 1.00 2.53 -12.01
N VAL B 147 2.07 1.99 -12.57
CA VAL B 147 2.91 1.03 -11.83
C VAL B 147 4.36 1.51 -11.89
N TRP B 148 4.93 1.76 -10.73
CA TRP B 148 6.32 2.26 -10.56
C TRP B 148 7.23 1.15 -10.09
N LEU B 149 8.41 1.05 -10.71
CA LEU B 149 9.46 0.11 -10.30
C LEU B 149 10.64 0.91 -9.77
N PRO B 150 10.68 1.17 -8.45
CA PRO B 150 11.63 2.10 -7.85
C PRO B 150 13.11 1.70 -8.06
N GLU B 151 13.40 0.41 -8.11
CA GLU B 151 14.76 -0.16 -8.28
C GLU B 151 15.30 0.20 -9.67
N LYS B 152 14.44 0.34 -10.67
CA LYS B 152 14.81 0.55 -12.09
C LYS B 152 14.48 1.97 -12.53
N GLU B 153 13.69 2.72 -11.76
CA GLU B 153 13.14 4.04 -12.08
C GLU B 153 12.34 3.95 -13.40
N ILE B 154 11.54 2.88 -13.53
CA ILE B 154 10.68 2.65 -14.72
C ILE B 154 9.23 2.84 -14.29
N LEU B 155 8.53 3.72 -14.97
CA LEU B 155 7.08 3.93 -14.73
C LEU B 155 6.29 3.30 -15.86
N PHE B 156 5.38 2.36 -15.51
CA PHE B 156 4.32 1.97 -16.47
C PHE B 156 3.17 2.95 -16.35
N GLY B 157 3.03 3.85 -17.31
CA GLY B 157 1.97 4.86 -17.29
C GLY B 157 0.64 4.31 -17.77
N GLY B 158 0.65 3.19 -18.50
CA GLY B 158 -0.58 2.66 -19.08
C GLY B 158 -1.24 3.67 -19.99
N CYS B 159 -2.55 3.64 -20.00
CA CYS B 159 -3.32 4.41 -20.98
C CYS B 159 -3.59 5.82 -20.46
N PHE B 160 -3.19 6.12 -19.22
CA PHE B 160 -3.18 7.52 -18.70
C PHE B 160 -2.17 8.35 -19.47
N VAL B 161 -1.00 7.80 -19.78
CA VAL B 161 0.12 8.56 -20.38
C VAL B 161 -0.13 8.63 -21.90
N LYS B 162 -0.22 9.88 -22.42
CA LYS B 162 -0.81 10.18 -23.76
C LYS B 162 -0.01 11.37 -24.28
N PRO B 163 1.27 11.16 -24.63
CA PRO B 163 2.17 12.27 -24.88
C PRO B 163 1.95 12.92 -26.26
N HIS B 164 1.14 12.29 -27.10
CA HIS B 164 0.96 12.72 -28.52
C HIS B 164 -0.46 13.16 -28.79
N GLY B 165 -1.34 13.09 -27.80
CA GLY B 165 -2.77 13.34 -27.91
C GLY B 165 -3.52 12.34 -27.06
N LEU B 166 -4.72 12.71 -26.63
CA LEU B 166 -5.43 12.04 -25.53
C LEU B 166 -6.12 10.73 -25.98
N GLY B 167 -6.24 10.49 -27.29
CA GLY B 167 -6.86 9.26 -27.82
C GLY B 167 -8.35 9.22 -27.54
N ASN B 168 -8.88 8.02 -27.36
CA ASN B 168 -10.35 7.79 -27.26
C ASN B 168 -10.85 8.33 -25.90
N LEU B 169 -11.72 9.36 -25.92
CA LEU B 169 -12.20 10.08 -24.69
C LEU B 169 -13.49 9.47 -24.12
N GLY B 170 -13.96 8.32 -24.61
CA GLY B 170 -15.26 7.71 -24.27
C GLY B 170 -15.49 7.55 -22.78
N ASP B 171 -14.45 7.30 -22.01
CA ASP B 171 -14.62 6.99 -20.56
C ASP B 171 -13.80 7.98 -19.76
N ALA B 172 -13.32 9.04 -20.41
CA ALA B 172 -12.33 9.99 -19.87
C ALA B 172 -13.00 11.04 -18.96
N ASN B 173 -12.19 11.56 -18.06
CA ASN B 173 -12.56 12.69 -17.15
C ASN B 173 -11.65 13.87 -17.54
N LEU B 174 -12.06 14.65 -18.54
CA LEU B 174 -11.23 15.75 -19.07
C LEU B 174 -10.98 16.81 -17.99
N GLU B 175 -11.96 17.09 -17.11
CA GLU B 175 -11.81 18.11 -16.03
C GLU B 175 -10.67 17.73 -15.10
N ALA B 176 -10.59 16.45 -14.71
CA ALA B 176 -9.69 15.94 -13.65
C ALA B 176 -8.29 15.65 -14.24
N TRP B 177 -8.20 15.33 -15.54
CA TRP B 177 -6.93 14.86 -16.17
C TRP B 177 -5.76 15.80 -15.93
N PRO B 178 -5.84 17.16 -16.11
CA PRO B 178 -4.65 17.98 -15.93
C PRO B 178 -4.10 17.84 -14.50
N GLU B 179 -4.95 17.84 -13.49
CA GLU B 179 -4.49 17.80 -12.08
C GLU B 179 -3.89 16.39 -11.80
N SER B 180 -4.60 15.35 -12.25
CA SER B 180 -4.09 13.96 -12.18
C SER B 180 -2.69 13.91 -12.81
N ALA B 181 -2.50 14.54 -13.98
CA ALA B 181 -1.22 14.51 -14.72
C ALA B 181 -0.14 15.30 -13.97
N LYS B 182 -0.53 16.39 -13.33
CA LYS B 182 0.40 17.22 -12.53
C LYS B 182 0.93 16.40 -11.35
N ILE B 183 0.03 15.73 -10.63
CA ILE B 183 0.37 14.83 -9.49
C ILE B 183 1.38 13.82 -10.04
N LEU B 184 1.04 13.23 -11.18
CA LEU B 184 1.92 12.18 -11.72
C LEU B 184 3.29 12.78 -12.05
N MET B 185 3.40 13.95 -12.66
CA MET B 185 4.75 14.42 -13.06
C MET B 185 5.50 14.89 -11.82
N GLU B 186 4.80 15.42 -10.81
CA GLU B 186 5.47 15.89 -9.55
C GLU B 186 6.03 14.69 -8.78
N LYS B 187 5.41 13.50 -8.91
N LYS B 187 5.44 13.50 -8.92
CA LYS B 187 5.80 12.29 -8.12
CA LYS B 187 5.89 12.33 -8.12
C LYS B 187 6.92 11.50 -8.82
C LYS B 187 7.02 11.58 -8.83
N TYR B 188 6.89 11.40 -10.14
CA TYR B 188 7.80 10.50 -10.89
C TYR B 188 8.66 11.29 -11.88
N GLY B 189 9.01 12.55 -11.55
CA GLY B 189 9.91 13.34 -12.43
C GLY B 189 11.25 12.65 -12.64
N LYS B 190 11.63 11.73 -11.74
CA LYS B 190 12.97 11.08 -11.72
C LYS B 190 12.92 9.83 -12.60
N ALA B 191 11.76 9.50 -13.21
CA ALA B 191 11.65 8.30 -14.05
C ALA B 191 12.70 8.32 -15.18
N LYS B 192 13.41 7.23 -15.35
CA LYS B 192 14.37 6.99 -16.46
C LYS B 192 13.56 6.60 -17.70
N LEU B 193 12.52 5.76 -17.54
CA LEU B 193 11.71 5.23 -18.67
C LEU B 193 10.23 5.29 -18.29
N VAL B 194 9.41 5.81 -19.21
CA VAL B 194 7.93 5.85 -19.07
C VAL B 194 7.40 4.98 -20.20
N VAL B 195 6.71 3.90 -19.85
CA VAL B 195 6.01 3.04 -20.82
C VAL B 195 4.54 3.45 -20.82
N SER B 196 4.03 3.83 -21.99
CA SER B 196 2.62 4.17 -22.22
C SER B 196 1.94 2.94 -22.85
N GLY B 197 0.63 2.89 -22.76
CA GLY B 197 -0.20 1.82 -23.36
C GLY B 197 -0.09 1.79 -24.87
N HIS B 198 -0.03 2.95 -25.55
CA HIS B 198 -0.31 3.02 -27.01
C HIS B 198 0.80 3.73 -27.80
N SER B 199 1.93 4.07 -27.21
CA SER B 199 3.02 4.63 -28.04
C SER B 199 4.38 4.16 -27.55
N GLU B 200 5.43 4.59 -28.24
CA GLU B 200 6.79 4.10 -27.97
C GLU B 200 7.21 4.63 -26.59
N THR B 201 8.04 3.87 -25.93
CA THR B 201 8.61 4.22 -24.61
C THR B 201 9.29 5.57 -24.71
N GLY B 202 9.19 6.37 -23.67
CA GLY B 202 9.80 7.71 -23.60
C GLY B 202 10.56 7.85 -22.29
N ASP B 203 11.18 8.99 -22.06
CA ASP B 203 11.72 9.26 -20.72
C ASP B 203 10.66 10.07 -19.98
N ALA B 204 11.03 10.77 -18.90
CA ALA B 204 10.10 11.48 -18.00
C ALA B 204 9.35 12.62 -18.68
N THR B 205 9.80 13.09 -19.84
CA THR B 205 9.08 14.11 -20.64
C THR B 205 7.69 13.63 -21.04
N HIS B 206 7.48 12.32 -21.17
CA HIS B 206 6.11 11.82 -21.45
C HIS B 206 5.13 12.28 -20.39
N LEU B 207 5.57 12.52 -19.14
CA LEU B 207 4.60 12.93 -18.10
C LEU B 207 4.17 14.39 -18.32
N LYS B 208 5.13 15.26 -18.63
CA LYS B 208 4.82 16.69 -18.90
C LYS B 208 3.99 16.80 -20.18
N ARG B 209 4.31 16.01 -21.20
CA ARG B 209 3.59 16.01 -22.49
C ARG B 209 2.15 15.58 -22.24
N THR B 210 1.92 14.57 -21.38
CA THR B 210 0.54 14.18 -21.04
C THR B 210 -0.17 15.36 -20.40
N TRP B 211 0.48 16.01 -19.45
CA TRP B 211 -0.09 17.20 -18.78
C TRP B 211 -0.47 18.26 -19.83
N GLU B 212 0.44 18.59 -20.74
CA GLU B 212 0.23 19.57 -21.88
C GLU B 212 -0.99 19.14 -22.69
N GLN B 213 -1.06 17.88 -23.10
CA GLN B 213 -2.18 17.36 -23.91
C GLN B 213 -3.48 17.42 -23.12
N ALA B 214 -3.47 17.12 -21.81
CA ALA B 214 -4.68 17.12 -20.97
C ALA B 214 -5.21 18.57 -20.85
N VAL B 215 -4.30 19.52 -20.67
CA VAL B 215 -4.61 20.99 -20.60
C VAL B 215 -5.29 21.36 -21.94
N LYS B 216 -4.53 21.20 -23.02
CA LYS B 216 -4.94 21.54 -24.40
C LYS B 216 -6.28 20.90 -24.70
N GLY B 217 -6.46 19.61 -24.37
CA GLY B 217 -7.69 18.85 -24.66
C GLY B 217 -8.91 19.37 -23.92
N LEU B 218 -8.74 19.75 -22.65
CA LEU B 218 -9.88 20.18 -21.78
C LEU B 218 -10.54 21.42 -22.40
N LYS B 219 -9.71 22.41 -22.76
CA LYS B 219 -10.15 23.59 -23.53
C LYS B 219 -10.25 23.20 -25.01
N GLU B 220 -11.47 23.24 -25.55
CA GLU B 220 -11.83 22.79 -26.91
C GLU B 220 -13.11 21.98 -26.72
N SER B 221 -13.04 21.04 -25.78
CA SER B 221 -14.23 20.45 -25.13
C SER B 221 -15.01 21.57 -24.43
N LYS B 222 -14.36 22.31 -23.53
CA LYS B 222 -14.96 23.41 -22.70
C LYS B 222 -14.15 24.69 -22.94
#